data_8OGC
#
_entry.id   8OGC
#
_cell.length_a   81.740
_cell.length_b   81.740
_cell.length_c   234.101
_cell.angle_alpha   90.000
_cell.angle_beta   90.000
_cell.angle_gamma   120.000
#
_symmetry.space_group_name_H-M   'P 61 2 2'
#
loop_
_entity.id
_entity.type
_entity.pdbx_description
1 polymer 'DDB1- and CUL4-associated factor 1'
2 non-polymer 'DIMETHYL SULFOXIDE'
3 non-polymer 'MAGNESIUM ION'
4 non-polymer 'ACETATE ION'
5 non-polymer 1,2-ETHANEDIOL
6 non-polymer 1-[4-[4-(2-azanylethylamino)-2-[1-(4-chlorophenyl)cyclopentyl]quinazolin-7-yl]piperazin-1-yl]ethanone
7 water water
#
_entity_poly.entity_id   1
_entity_poly.type   'polypeptide(L)'
_entity_poly.pdbx_seq_one_letter_code
;GGGREPKQRRQAPINFTSRLNRRASFPKYGGVDGGCFDRHLIFSRFRPISVFREANEDESGFTCCAFSARERFLMLGTCT
GQLKLYNVFSGQEEASYNCHNSAITHLEPSRDGSLLLTSATWSQPLSALWGMKSVFDMKHSFTEDHYVEFSKHSQDRVIG
TKGDIAHIYDIQTGNKLLTLFNPDLANNYKRNCATFNPTDDLVLNDGVLWDVRSALAIHKFDKFNMNISGVFHPNGLEVI
INTEIWDLRTFHLLHTVPALDQCRVVFNHTGTVMYGAMLQADDEDDLMEERMKSPFGSSFRTFNATDYKPIATIDVKRNI
FDLCTDTKDCYLAVIENQGSMDALNMDTVCRLYEVGRQRLAEDEDEE
;
_entity_poly.pdbx_strand_id   A
#
loop_
_chem_comp.id
_chem_comp.type
_chem_comp.name
_chem_comp.formula
ACT non-polymer 'ACETATE ION' 'C2 H3 O2 -1'
DMS non-polymer 'DIMETHYL SULFOXIDE' 'C2 H6 O S'
EDO non-polymer 1,2-ETHANEDIOL 'C2 H6 O2'
MG non-polymer 'MAGNESIUM ION' 'Mg 2'
VMZ non-polymer 1-[4-[4-(2-azanylethylamino)-2-[1-(4-chlorophenyl)cyclopentyl]quinazolin-7-yl]piperazin-1-yl]ethanone 'C27 H33 Cl N6 O'
#
# COMPACT_ATOMS: atom_id res chain seq x y z
N PHE A 46 -19.88 8.71 3.29
CA PHE A 46 -19.55 7.30 2.99
C PHE A 46 -20.85 6.49 2.91
N ARG A 47 -21.57 6.57 1.79
CA ARG A 47 -22.79 5.76 1.67
C ARG A 47 -22.42 4.40 1.05
N PRO A 48 -22.79 3.28 1.70
CA PRO A 48 -22.43 1.96 1.19
C PRO A 48 -23.17 1.72 -0.13
N ILE A 49 -22.45 1.27 -1.14
CA ILE A 49 -22.89 1.17 -2.57
C ILE A 49 -22.88 -0.32 -2.94
N SER A 50 -21.94 -1.08 -2.39
CA SER A 50 -21.79 -2.52 -2.74
C SER A 50 -20.98 -3.29 -1.69
N VAL A 51 -21.31 -4.57 -1.61
CA VAL A 51 -20.60 -5.51 -0.73
C VAL A 51 -20.51 -6.83 -1.45
N PHE A 52 -19.34 -7.47 -1.31
CA PHE A 52 -19.19 -8.88 -1.76
C PHE A 52 -18.11 -9.62 -0.94
N ARG A 53 -18.32 -10.91 -0.87
CA ARG A 53 -17.42 -11.96 -0.32
C ARG A 53 -16.69 -12.61 -1.51
N GLU A 54 -15.66 -13.37 -1.22
CA GLU A 54 -14.94 -14.19 -2.23
C GLU A 54 -15.82 -15.32 -2.68
N ALA A 55 -15.91 -15.55 -3.98
CA ALA A 55 -16.72 -16.67 -4.54
C ALA A 55 -16.10 -18.01 -4.19
N ASN A 56 -16.91 -19.02 -3.81
CA ASN A 56 -16.58 -20.49 -3.84
C ASN A 56 -15.77 -20.86 -2.58
N GLU A 57 -15.95 -20.07 -1.52
CA GLU A 57 -15.19 -20.15 -0.27
C GLU A 57 -16.22 -20.17 0.86
N ASP A 58 -16.14 -21.21 1.67
CA ASP A 58 -16.91 -21.28 2.94
C ASP A 58 -16.56 -20.03 3.74
N GLU A 59 -15.25 -19.68 3.78
CA GLU A 59 -14.76 -18.44 4.40
C GLU A 59 -14.05 -17.66 3.29
N SER A 60 -14.38 -16.40 3.21
CA SER A 60 -13.89 -15.40 2.28
C SER A 60 -12.52 -14.92 2.79
N GLY A 61 -11.53 -14.94 1.93
CA GLY A 61 -10.12 -14.68 2.26
C GLY A 61 -9.54 -13.45 1.61
N PHE A 62 -10.33 -12.46 1.18
CA PHE A 62 -9.74 -11.18 0.68
C PHE A 62 -8.83 -10.61 1.74
N THR A 63 -7.63 -10.20 1.33
CA THR A 63 -6.61 -9.58 2.23
C THR A 63 -6.16 -8.20 1.73
N CYS A 64 -6.41 -7.81 0.50
CA CYS A 64 -5.93 -6.49 0.03
C CYS A 64 -6.58 -6.19 -1.32
N CYS A 65 -6.57 -4.95 -1.75
CA CYS A 65 -7.27 -4.58 -2.99
C CYS A 65 -6.63 -3.37 -3.68
N ALA A 66 -6.94 -3.16 -4.96
CA ALA A 66 -6.59 -1.94 -5.70
C ALA A 66 -7.42 -1.97 -6.95
N PHE A 67 -7.88 -0.83 -7.40
CA PHE A 67 -8.66 -0.80 -8.64
C PHE A 67 -7.75 -1.12 -9.81
N SER A 68 -8.27 -1.81 -10.80
CA SER A 68 -7.50 -2.16 -12.00
C SER A 68 -7.47 -0.90 -12.87
N ALA A 69 -6.74 -0.93 -13.97
CA ALA A 69 -6.79 0.13 -15.01
C ALA A 69 -8.12 0.09 -15.72
N ARG A 70 -8.98 -0.91 -15.52
CA ARG A 70 -10.36 -0.91 -16.09
C ARG A 70 -11.35 -0.62 -14.98
N GLU A 71 -12.06 0.48 -15.09
CA GLU A 71 -13.19 0.89 -14.22
C GLU A 71 -14.16 -0.28 -13.99
N ARG A 72 -14.71 -0.35 -12.78
CA ARG A 72 -15.77 -1.32 -12.38
C ARG A 72 -15.09 -2.59 -11.83
N PHE A 73 -13.78 -2.77 -12.11
CA PHE A 73 -13.05 -4.04 -11.87
C PHE A 73 -12.02 -3.82 -10.79
N LEU A 74 -12.21 -4.53 -9.68
CA LEU A 74 -11.32 -4.39 -8.54
C LEU A 74 -10.42 -5.62 -8.52
N MET A 75 -9.12 -5.42 -8.32
CA MET A 75 -8.16 -6.51 -8.09
C MET A 75 -8.03 -6.72 -6.57
N LEU A 76 -8.12 -7.99 -6.14
CA LEU A 76 -8.02 -8.38 -4.72
C LEU A 76 -7.01 -9.52 -4.58
N GLY A 77 -6.20 -9.46 -3.53
CA GLY A 77 -5.42 -10.62 -3.09
C GLY A 77 -6.17 -11.40 -2.06
N THR A 78 -5.78 -12.66 -1.86
CA THR A 78 -6.42 -13.56 -0.88
C THR A 78 -5.39 -14.19 0.05
N CYS A 79 -5.89 -14.80 1.08
CA CYS A 79 -5.05 -15.47 2.10
C CYS A 79 -4.44 -16.76 1.51
N THR A 80 -4.89 -17.27 0.38
CA THR A 80 -4.21 -18.41 -0.30
C THR A 80 -3.27 -17.90 -1.41
N GLY A 81 -2.97 -16.59 -1.47
CA GLY A 81 -1.96 -16.07 -2.42
C GLY A 81 -2.50 -15.97 -3.82
N GLN A 82 -3.81 -15.98 -3.99
N GLN A 82 -3.80 -16.09 -3.99
CA GLN A 82 -4.44 -15.70 -5.30
CA GLN A 82 -4.44 -15.73 -5.28
C GLN A 82 -4.56 -14.10 -5.45
C GLN A 82 -4.18 -14.16 -5.46
N LEU A 83 -4.35 -13.69 -6.69
N LEU A 83 -4.45 -13.84 -6.74
CA LEU A 83 -4.98 -12.48 -7.34
CA LEU A 83 -5.04 -12.56 -7.24
C LEU A 83 -6.31 -12.84 -7.99
C LEU A 83 -6.34 -12.85 -7.99
N LYS A 84 -7.33 -11.98 -7.81
CA LYS A 84 -8.68 -12.15 -8.39
C LYS A 84 -9.15 -10.82 -8.92
N LEU A 85 -9.88 -10.91 -10.01
CA LEU A 85 -10.52 -9.72 -10.61
C LEU A 85 -12.01 -9.85 -10.34
N TYR A 86 -12.62 -8.82 -9.73
CA TYR A 86 -14.08 -8.80 -9.42
C TYR A 86 -14.74 -7.58 -10.04
N ASN A 87 -15.96 -7.79 -10.50
CA ASN A 87 -16.93 -6.69 -10.68
C ASN A 87 -17.33 -6.16 -9.30
N VAL A 88 -17.05 -4.88 -9.06
CA VAL A 88 -17.14 -4.24 -7.73
C VAL A 88 -18.63 -3.97 -7.38
N PHE A 89 -19.50 -3.90 -8.40
CA PHE A 89 -21.00 -3.74 -8.26
C PHE A 89 -21.70 -5.09 -8.10
N SER A 90 -21.50 -6.09 -8.98
CA SER A 90 -22.25 -7.39 -8.88
C SER A 90 -21.63 -8.33 -7.83
N GLY A 91 -20.31 -8.16 -7.64
CA GLY A 91 -19.47 -9.06 -6.84
C GLY A 91 -19.08 -10.31 -7.62
N GLN A 92 -19.23 -10.29 -8.94
CA GLN A 92 -18.89 -11.46 -9.80
C GLN A 92 -17.37 -11.58 -9.93
N GLU A 93 -16.85 -12.75 -9.58
CA GLU A 93 -15.42 -13.07 -9.84
C GLU A 93 -15.21 -13.24 -11.36
N GLU A 94 -14.33 -12.50 -11.98
CA GLU A 94 -14.11 -12.57 -13.45
C GLU A 94 -12.85 -13.35 -13.81
N ALA A 95 -11.81 -13.33 -12.96
CA ALA A 95 -10.58 -14.08 -13.24
C ALA A 95 -9.85 -14.36 -11.93
N SER A 96 -8.90 -15.26 -12.02
CA SER A 96 -8.19 -15.80 -10.84
C SER A 96 -6.80 -16.27 -11.23
N TYR A 97 -5.77 -16.02 -10.41
CA TYR A 97 -4.43 -16.56 -10.66
C TYR A 97 -3.73 -16.82 -9.33
N ASN A 98 -3.00 -17.92 -9.27
CA ASN A 98 -2.24 -18.24 -8.04
C ASN A 98 -0.90 -17.54 -8.17
N CYS A 99 -0.68 -16.40 -7.52
CA CYS A 99 0.61 -15.70 -7.51
C CYS A 99 1.58 -16.24 -6.45
N HIS A 100 1.11 -16.60 -5.25
CA HIS A 100 1.98 -17.05 -4.15
C HIS A 100 1.29 -18.17 -3.36
N ASN A 101 2.11 -18.97 -2.69
CA ASN A 101 1.67 -20.04 -1.79
C ASN A 101 1.74 -19.57 -0.33
N SER A 102 1.55 -18.30 -0.11
CA SER A 102 1.24 -17.68 1.19
C SER A 102 0.32 -16.47 0.90
N ALA A 103 -0.30 -15.91 1.92
CA ALA A 103 -1.27 -14.80 1.79
C ALA A 103 -0.62 -13.64 1.04
N ILE A 104 -1.44 -12.96 0.25
CA ILE A 104 -1.07 -11.67 -0.35
C ILE A 104 -1.26 -10.56 0.68
N THR A 105 -0.25 -9.72 0.88
CA THR A 105 -0.34 -8.57 1.78
C THR A 105 -0.49 -7.27 0.98
N HIS A 106 -0.13 -7.24 -0.28
CA HIS A 106 -0.14 -5.98 -1.04
C HIS A 106 -0.17 -6.28 -2.52
N LEU A 107 -0.81 -5.40 -3.26
CA LEU A 107 -0.81 -5.41 -4.73
C LEU A 107 -0.87 -3.98 -5.25
N GLU A 108 -0.24 -3.75 -6.40
CA GLU A 108 -0.24 -2.44 -7.11
C GLU A 108 -0.28 -2.66 -8.59
N PRO A 109 -1.38 -2.33 -9.28
CA PRO A 109 -1.41 -2.35 -10.73
C PRO A 109 -0.69 -1.14 -11.30
N SER A 110 0.00 -1.31 -12.43
CA SER A 110 0.61 -0.17 -13.16
C SER A 110 -0.55 0.61 -13.76
N ARG A 111 -0.34 1.92 -13.97
CA ARG A 111 -1.37 2.78 -14.60
C ARG A 111 -1.68 2.28 -16.02
N ASP A 112 -0.72 1.76 -16.79
CA ASP A 112 -1.03 1.42 -18.21
C ASP A 112 -1.70 0.05 -18.29
N GLY A 113 -2.02 -0.60 -17.19
CA GLY A 113 -2.75 -1.87 -17.30
C GLY A 113 -1.88 -3.10 -17.63
N SER A 114 -0.57 -2.96 -17.80
CA SER A 114 0.26 -4.05 -18.38
C SER A 114 1.00 -4.80 -17.27
N LEU A 115 1.13 -4.24 -16.08
CA LEU A 115 1.98 -4.86 -15.05
C LEU A 115 1.28 -4.84 -13.70
N LEU A 116 1.71 -5.73 -12.81
CA LEU A 116 1.21 -5.84 -11.42
C LEU A 116 2.32 -6.26 -10.45
N LEU A 117 2.42 -5.57 -9.33
CA LEU A 117 3.27 -5.94 -8.18
C LEU A 117 2.41 -6.65 -7.10
N THR A 118 2.95 -7.74 -6.57
CA THR A 118 2.40 -8.44 -5.40
C THR A 118 3.46 -8.65 -4.33
N SER A 119 3.01 -8.74 -3.07
CA SER A 119 3.82 -9.10 -1.90
C SER A 119 3.01 -10.14 -1.13
N ALA A 120 3.71 -11.10 -0.57
CA ALA A 120 3.14 -12.19 0.20
C ALA A 120 3.75 -12.17 1.60
N THR A 121 3.25 -13.07 2.43
N THR A 121 3.24 -13.05 2.48
CA THR A 121 3.67 -13.14 3.86
CA THR A 121 3.67 -13.11 3.90
C THR A 121 5.07 -13.85 3.88
C THR A 121 5.02 -13.92 4.00
N TRP A 122 5.01 -15.13 3.39
CA TRP A 122 5.98 -16.20 3.76
C TRP A 122 6.23 -17.13 2.57
N SER A 123 6.82 -16.58 1.52
CA SER A 123 7.06 -17.19 0.20
C SER A 123 8.49 -16.82 -0.20
N GLN A 124 9.07 -17.63 -1.05
CA GLN A 124 10.33 -17.32 -1.73
C GLN A 124 10.02 -17.59 -3.20
N PRO A 125 9.93 -16.56 -4.06
CA PRO A 125 10.14 -15.19 -3.65
C PRO A 125 9.00 -14.52 -2.88
N LEU A 126 9.36 -13.50 -2.09
CA LEU A 126 8.39 -12.80 -1.25
C LEU A 126 7.51 -11.81 -2.04
N SER A 127 8.07 -11.11 -3.01
CA SER A 127 7.34 -10.16 -3.86
C SER A 127 7.62 -10.52 -5.33
N ALA A 128 6.79 -10.05 -6.25
CA ALA A 128 6.96 -10.37 -7.67
C ALA A 128 6.31 -9.29 -8.52
N LEU A 129 6.69 -9.27 -9.81
CA LEU A 129 6.18 -8.41 -10.90
C LEU A 129 5.59 -9.31 -11.97
N TRP A 130 4.31 -9.10 -12.26
CA TRP A 130 3.53 -9.88 -13.22
C TRP A 130 3.18 -9.03 -14.45
N GLY A 131 3.11 -9.66 -15.59
CA GLY A 131 2.55 -9.09 -16.83
C GLY A 131 1.12 -9.48 -17.02
N MET A 132 0.29 -8.55 -17.46
CA MET A 132 -1.18 -8.77 -17.64
C MET A 132 -1.64 -8.43 -19.07
N LYS A 133 -0.73 -8.32 -20.02
CA LYS A 133 -1.00 -8.19 -21.47
C LYS A 133 -1.19 -9.58 -22.09
N SER A 134 -2.40 -9.96 -22.49
CA SER A 134 -2.72 -11.17 -23.29
C SER A 134 -2.76 -12.39 -22.38
N VAL A 135 -1.69 -12.55 -21.63
CA VAL A 135 -1.44 -13.74 -20.78
C VAL A 135 -0.99 -13.18 -19.42
N PHE A 136 -1.42 -13.80 -18.33
CA PHE A 136 -0.91 -13.44 -17.00
C PHE A 136 0.41 -14.20 -16.85
N ASP A 137 1.55 -13.58 -16.64
CA ASP A 137 2.80 -14.36 -16.42
C ASP A 137 3.68 -13.59 -15.42
N MET A 138 4.71 -14.24 -14.89
CA MET A 138 5.67 -13.62 -13.97
C MET A 138 6.77 -12.99 -14.80
N LYS A 139 7.12 -11.74 -14.55
CA LYS A 139 8.28 -11.08 -15.24
C LYS A 139 9.52 -11.15 -14.36
N HIS A 140 9.42 -10.75 -13.10
CA HIS A 140 10.59 -10.71 -12.19
C HIS A 140 10.19 -11.10 -10.78
N SER A 141 11.12 -11.50 -9.96
CA SER A 141 10.82 -11.71 -8.55
C SER A 141 11.86 -11.06 -7.65
N PHE A 142 11.46 -10.68 -6.43
CA PHE A 142 12.25 -9.88 -5.47
C PHE A 142 12.29 -10.75 -4.20
N THR A 143 13.38 -11.50 -4.02
N THR A 143 13.40 -11.49 -4.05
CA THR A 143 13.44 -12.81 -3.32
CA THR A 143 13.53 -12.77 -3.29
C THR A 143 13.13 -12.70 -1.77
C THR A 143 13.07 -12.67 -1.80
N GLU A 144 13.47 -11.50 -1.17
CA GLU A 144 13.15 -11.23 0.26
C GLU A 144 12.53 -9.87 0.49
N ASP A 145 12.02 -9.19 -0.52
CA ASP A 145 11.34 -7.91 -0.27
C ASP A 145 9.88 -8.17 0.23
N HIS A 146 9.50 -7.54 1.35
CA HIS A 146 8.17 -7.72 2.00
C HIS A 146 7.18 -6.69 1.44
N TYR A 147 7.67 -5.74 0.69
CA TYR A 147 6.79 -4.72 0.13
C TYR A 147 7.42 -4.12 -1.11
N VAL A 148 6.61 -3.78 -2.09
CA VAL A 148 7.12 -3.17 -3.35
C VAL A 148 6.14 -2.07 -3.81
N GLU A 149 6.67 -1.07 -4.51
CA GLU A 149 5.85 -0.08 -5.23
C GLU A 149 6.46 0.20 -6.58
N PHE A 150 5.64 0.67 -7.51
CA PHE A 150 6.15 1.33 -8.72
C PHE A 150 6.72 2.73 -8.44
N SER A 151 7.64 3.15 -9.33
CA SER A 151 8.01 4.58 -9.41
C SER A 151 6.75 5.32 -9.89
N LYS A 152 6.65 6.63 -9.73
CA LYS A 152 5.36 7.37 -9.82
C LYS A 152 5.26 8.16 -11.10
N HIS A 153 6.29 8.90 -11.44
CA HIS A 153 6.24 9.80 -12.62
C HIS A 153 6.23 8.92 -13.88
N SER A 154 7.29 8.20 -14.09
CA SER A 154 7.50 7.23 -15.20
C SER A 154 7.59 5.85 -14.53
N GLN A 155 6.70 4.94 -14.87
CA GLN A 155 6.64 3.69 -14.06
C GLN A 155 7.60 2.68 -14.71
N ASP A 156 8.89 2.94 -14.67
CA ASP A 156 9.94 2.07 -15.25
C ASP A 156 10.71 1.39 -14.13
N ARG A 157 10.45 1.66 -12.85
CA ARG A 157 11.22 1.08 -11.73
C ARG A 157 10.30 0.57 -10.65
N VAL A 158 10.85 -0.35 -9.88
CA VAL A 158 10.23 -0.88 -8.66
C VAL A 158 11.14 -0.50 -7.48
N ILE A 159 10.55 -0.17 -6.38
CA ILE A 159 11.27 -0.03 -5.09
C ILE A 159 10.71 -1.06 -4.14
N GLY A 160 11.58 -1.88 -3.61
CA GLY A 160 11.28 -2.95 -2.65
C GLY A 160 11.92 -2.68 -1.32
N THR A 161 11.26 -3.20 -0.29
CA THR A 161 11.70 -3.01 1.12
C THR A 161 12.06 -4.38 1.69
N LYS A 162 13.27 -4.50 2.18
CA LYS A 162 13.71 -5.69 2.94
C LYS A 162 14.19 -5.26 4.32
N GLY A 163 13.34 -5.38 5.33
CA GLY A 163 13.56 -4.85 6.69
C GLY A 163 13.80 -3.33 6.62
N ASP A 164 15.01 -2.91 6.94
CA ASP A 164 15.41 -1.49 7.01
C ASP A 164 16.02 -1.02 5.67
N ILE A 165 16.15 -1.91 4.68
CA ILE A 165 16.92 -1.71 3.43
C ILE A 165 15.94 -1.48 2.28
N ALA A 166 16.22 -0.50 1.42
CA ALA A 166 15.46 -0.26 0.17
C ALA A 166 16.28 -0.79 -1.02
N HIS A 167 15.61 -1.49 -1.94
CA HIS A 167 16.15 -1.94 -3.24
C HIS A 167 15.40 -1.27 -4.38
N ILE A 168 16.08 -0.66 -5.32
CA ILE A 168 15.45 -0.19 -6.57
C ILE A 168 15.81 -1.09 -7.73
N TYR A 169 14.83 -1.52 -8.52
CA TYR A 169 15.02 -2.42 -9.66
C TYR A 169 14.54 -1.73 -10.92
N ASP A 170 15.18 -2.08 -12.01
CA ASP A 170 14.72 -1.74 -13.37
C ASP A 170 13.60 -2.72 -13.76
N ILE A 171 12.50 -2.24 -14.32
CA ILE A 171 11.37 -3.14 -14.69
C ILE A 171 11.78 -4.03 -15.88
N GLN A 172 12.47 -3.49 -16.87
CA GLN A 172 12.85 -4.27 -18.07
C GLN A 172 13.81 -5.43 -17.73
N THR A 173 14.93 -5.13 -17.14
CA THR A 173 15.99 -6.12 -16.90
C THR A 173 15.63 -6.90 -15.66
N GLY A 174 14.97 -6.27 -14.75
CA GLY A 174 14.78 -6.91 -13.44
C GLY A 174 15.98 -6.69 -12.56
N ASN A 175 17.01 -5.95 -13.01
CA ASN A 175 18.27 -5.85 -12.23
C ASN A 175 18.08 -4.92 -11.04
N LYS A 176 18.71 -5.24 -9.92
CA LYS A 176 18.86 -4.33 -8.76
C LYS A 176 19.87 -3.23 -9.11
N LEU A 177 19.40 -2.01 -9.27
CA LEU A 177 20.20 -0.82 -9.63
C LEU A 177 20.90 -0.27 -8.39
N LEU A 178 20.25 -0.32 -7.22
CA LEU A 178 20.59 0.49 -6.02
C LEU A 178 20.09 -0.20 -4.76
N THR A 179 20.96 -0.24 -3.75
CA THR A 179 20.65 -0.60 -2.35
C THR A 179 20.81 0.64 -1.49
N LEU A 180 19.74 1.15 -0.92
CA LEU A 180 19.76 2.34 -0.04
C LEU A 180 19.63 1.84 1.38
N PHE A 181 20.67 2.08 2.16
CA PHE A 181 20.75 1.67 3.58
C PHE A 181 22.01 2.23 4.18
N ASN A 182 21.88 2.83 5.32
CA ASN A 182 23.02 3.31 6.12
C ASN A 182 22.78 2.96 7.60
N PRO A 183 23.53 2.03 8.21
CA PRO A 183 23.22 1.56 9.57
C PRO A 183 23.30 2.71 10.59
N ASP A 184 24.12 3.72 10.36
CA ASP A 184 24.23 4.87 11.29
C ASP A 184 23.01 5.79 11.18
N LEU A 185 22.16 5.69 10.16
CA LEU A 185 21.00 6.62 10.06
C LEU A 185 19.68 5.84 10.23
N ALA A 186 19.73 4.54 10.39
CA ALA A 186 18.53 3.67 10.46
C ALA A 186 17.69 4.06 11.67
N ASN A 187 16.37 4.06 11.50
CA ASN A 187 15.35 4.18 12.56
C ASN A 187 14.81 2.79 12.98
N ASN A 188 14.99 1.77 12.15
CA ASN A 188 14.50 0.40 12.43
C ASN A 188 12.98 0.43 12.62
N TYR A 189 12.24 1.18 11.82
CA TYR A 189 10.77 1.17 11.94
C TYR A 189 10.24 -0.23 11.69
N LYS A 190 9.32 -0.74 12.50
CA LYS A 190 8.83 -2.12 12.35
C LYS A 190 7.91 -2.26 11.17
N ARG A 191 7.37 -1.18 10.63
CA ARG A 191 6.54 -1.27 9.40
C ARG A 191 7.18 -0.48 8.28
N ASN A 192 8.51 -0.49 8.23
CA ASN A 192 9.24 0.29 7.21
C ASN A 192 8.72 -0.08 5.81
N CYS A 193 8.37 0.92 5.02
CA CYS A 193 7.99 0.77 3.61
C CYS A 193 8.66 1.88 2.82
N ALA A 194 9.63 1.53 1.96
CA ALA A 194 10.36 2.48 1.10
C ALA A 194 9.44 2.94 -0.02
N THR A 195 9.58 4.19 -0.41
CA THR A 195 8.71 4.82 -1.43
C THR A 195 9.49 5.92 -2.18
N PHE A 196 9.13 6.12 -3.43
CA PHE A 196 9.54 7.23 -4.29
C PHE A 196 8.61 8.42 -4.05
N ASN A 197 9.09 9.62 -4.30
CA ASN A 197 8.30 10.84 -4.33
C ASN A 197 7.69 10.92 -5.70
N PRO A 198 6.83 11.90 -5.96
CA PRO A 198 6.12 11.99 -7.24
C PRO A 198 6.98 12.16 -8.48
N THR A 199 8.19 12.71 -8.36
CA THR A 199 9.10 12.92 -9.51
C THR A 199 10.14 11.79 -9.60
N ASP A 200 10.10 10.77 -8.74
CA ASP A 200 11.00 9.57 -8.82
C ASP A 200 12.45 9.92 -8.47
N ASP A 201 12.76 11.10 -7.95
CA ASP A 201 14.18 11.51 -7.74
C ASP A 201 14.56 11.50 -6.24
N LEU A 202 13.58 11.37 -5.33
CA LEU A 202 13.82 11.16 -3.88
C LEU A 202 13.12 9.87 -3.43
N VAL A 203 13.67 9.30 -2.37
CA VAL A 203 13.12 8.08 -1.74
C VAL A 203 13.11 8.30 -0.23
N LEU A 204 12.03 7.87 0.41
CA LEU A 204 11.92 7.77 1.89
C LEU A 204 12.09 6.30 2.24
N ASN A 205 13.09 5.99 3.05
CA ASN A 205 13.33 4.62 3.52
C ASN A 205 13.74 4.72 4.98
N ASP A 206 12.98 4.11 5.88
CA ASP A 206 13.29 4.00 7.31
C ASP A 206 13.54 5.39 7.91
N GLY A 207 12.75 6.38 7.52
CA GLY A 207 12.85 7.76 8.06
C GLY A 207 14.02 8.54 7.53
N VAL A 208 14.71 8.01 6.51
CA VAL A 208 15.82 8.68 5.80
C VAL A 208 15.38 9.09 4.40
N LEU A 209 15.63 10.35 4.08
CA LEU A 209 15.37 10.89 2.76
C LEU A 209 16.64 10.73 1.92
N TRP A 210 16.50 10.09 0.76
CA TRP A 210 17.62 9.76 -0.11
C TRP A 210 17.43 10.46 -1.45
N ASP A 211 18.54 10.90 -2.01
CA ASP A 211 18.58 11.42 -3.40
C ASP A 211 18.99 10.25 -4.29
N VAL A 212 18.09 9.89 -5.19
CA VAL A 212 18.23 8.65 -6.00
C VAL A 212 19.46 8.78 -6.91
N ARG A 213 19.58 9.91 -7.64
CA ARG A 213 20.68 10.13 -8.60
C ARG A 213 22.06 9.98 -7.90
N SER A 214 22.28 10.61 -6.76
CA SER A 214 23.55 10.65 -6.03
C SER A 214 23.71 9.40 -5.16
N ALA A 215 22.59 8.71 -4.84
CA ALA A 215 22.48 7.64 -3.82
C ALA A 215 23.04 8.16 -2.51
N LEU A 216 22.71 9.39 -2.14
CA LEU A 216 23.17 9.99 -0.88
C LEU A 216 21.95 10.20 0.00
N ALA A 217 22.14 9.93 1.29
CA ALA A 217 21.18 10.25 2.34
C ALA A 217 21.21 11.76 2.50
N ILE A 218 20.11 12.45 2.34
CA ILE A 218 20.20 13.93 2.43
C ILE A 218 19.73 14.36 3.80
N HIS A 219 18.87 13.58 4.46
CA HIS A 219 18.29 13.97 5.77
C HIS A 219 17.73 12.75 6.52
N LYS A 220 18.06 12.61 7.80
CA LYS A 220 17.46 11.61 8.69
C LYS A 220 16.40 12.34 9.50
N PHE A 221 15.15 11.99 9.33
CA PHE A 221 14.08 12.53 10.22
C PHE A 221 14.18 11.84 11.58
N ASP A 222 14.04 12.60 12.65
CA ASP A 222 14.02 12.04 14.03
C ASP A 222 12.86 11.04 14.21
N LYS A 223 13.08 10.10 15.12
CA LYS A 223 12.19 8.94 15.34
C LYS A 223 11.29 9.27 16.54
N PHE A 224 9.99 9.31 16.29
CA PHE A 224 8.97 9.70 17.27
C PHE A 224 7.96 8.55 17.43
N ASN A 225 8.12 7.43 16.75
CA ASN A 225 7.24 6.25 16.96
C ASN A 225 8.00 4.96 16.55
N MET A 226 7.44 3.78 16.80
CA MET A 226 8.19 2.51 16.61
C MET A 226 7.89 1.89 15.25
N ASN A 227 6.82 2.30 14.56
CA ASN A 227 6.27 1.50 13.45
C ASN A 227 6.24 2.23 12.12
N ILE A 228 5.68 3.44 12.09
CA ILE A 228 5.32 4.12 10.81
C ILE A 228 6.55 4.89 10.28
N SER A 229 6.89 4.64 9.00
CA SER A 229 8.14 5.18 8.42
C SER A 229 7.88 6.41 7.56
N GLY A 230 6.69 6.53 6.98
CA GLY A 230 6.37 7.76 6.25
C GLY A 230 6.04 7.59 4.78
N VAL A 231 5.43 8.64 4.23
CA VAL A 231 5.07 8.77 2.80
C VAL A 231 5.34 10.19 2.33
N PHE A 232 5.37 10.36 1.01
CA PHE A 232 5.44 11.69 0.40
C PHE A 232 4.04 12.15 0.14
N HIS A 233 3.76 13.40 0.42
CA HIS A 233 2.53 14.05 -0.09
C HIS A 233 2.66 14.09 -1.62
N PRO A 234 1.54 13.91 -2.37
CA PRO A 234 1.54 14.11 -3.82
C PRO A 234 1.96 15.50 -4.30
N ASN A 235 1.94 16.53 -3.45
CA ASN A 235 2.32 17.88 -3.89
C ASN A 235 3.84 17.95 -4.04
N GLY A 236 4.62 16.97 -3.59
CA GLY A 236 6.08 16.98 -3.83
C GLY A 236 6.82 17.90 -2.85
N LEU A 237 6.13 18.54 -1.91
CA LEU A 237 6.79 19.52 -0.98
C LEU A 237 6.84 19.06 0.49
N GLU A 238 6.09 18.03 0.85
CA GLU A 238 5.85 17.62 2.25
C GLU A 238 6.02 16.12 2.38
N VAL A 239 6.38 15.74 3.58
CA VAL A 239 6.53 14.33 4.00
C VAL A 239 5.72 14.19 5.28
N ILE A 240 4.92 13.12 5.35
CA ILE A 240 4.02 12.74 6.47
C ILE A 240 4.64 11.53 7.13
N ILE A 241 5.20 11.69 8.31
CA ILE A 241 5.81 10.56 9.09
C ILE A 241 5.05 10.43 10.39
N ASN A 242 4.05 9.56 10.38
CA ASN A 242 3.17 9.32 11.54
C ASN A 242 2.40 10.61 11.87
N THR A 243 2.63 11.25 13.03
CA THR A 243 1.92 12.47 13.41
C THR A 243 2.62 13.73 12.88
N GLU A 244 3.83 13.63 12.34
CA GLU A 244 4.65 14.81 11.96
C GLU A 244 4.49 15.10 10.45
N ILE A 245 4.24 16.34 10.06
CA ILE A 245 4.29 16.78 8.66
C ILE A 245 5.49 17.71 8.53
N TRP A 246 6.44 17.34 7.69
CA TRP A 246 7.71 18.07 7.53
C TRP A 246 7.75 18.73 6.15
N ASP A 247 8.28 19.95 6.03
CA ASP A 247 8.54 20.62 4.74
C ASP A 247 9.86 20.10 4.14
N LEU A 248 9.87 19.69 2.88
CA LEU A 248 11.08 19.16 2.23
C LEU A 248 12.09 20.23 1.83
N ARG A 249 11.70 21.49 1.79
N ARG A 249 11.67 21.50 1.80
CA ARG A 249 12.66 22.55 1.41
CA ARG A 249 12.51 22.65 1.36
C ARG A 249 13.33 23.08 2.67
C ARG A 249 13.13 23.36 2.57
N THR A 250 12.62 23.16 3.80
CA THR A 250 13.12 23.86 5.01
C THR A 250 13.38 22.85 6.12
N PHE A 251 12.74 21.71 6.06
CA PHE A 251 12.75 20.69 7.15
C PHE A 251 12.12 21.23 8.42
N HIS A 252 11.29 22.27 8.34
CA HIS A 252 10.51 22.75 9.51
C HIS A 252 9.38 21.78 9.72
N LEU A 253 8.86 21.75 10.95
CA LEU A 253 7.64 21.01 11.30
C LEU A 253 6.45 21.91 10.93
N LEU A 254 5.67 21.50 9.95
CA LEU A 254 4.47 22.26 9.49
C LEU A 254 3.25 21.95 10.31
N HIS A 255 2.98 20.69 10.62
CA HIS A 255 1.75 20.29 11.36
C HIS A 255 2.06 19.11 12.30
N THR A 256 1.32 19.05 13.40
CA THR A 256 1.16 17.83 14.24
C THR A 256 -0.25 17.29 14.00
N VAL A 257 -0.46 16.06 13.62
CA VAL A 257 -1.83 15.53 13.45
C VAL A 257 -1.94 14.30 14.33
N PRO A 258 -2.38 14.47 15.59
CA PRO A 258 -2.40 13.39 16.58
C PRO A 258 -3.30 12.19 16.25
N ALA A 259 -4.37 12.43 15.52
CA ALA A 259 -5.20 11.33 14.91
C ALA A 259 -4.49 10.50 13.81
N LEU A 260 -3.35 10.93 13.24
CA LEU A 260 -2.62 10.07 12.26
C LEU A 260 -1.75 9.03 12.98
N ASP A 261 -1.70 9.03 14.30
CA ASP A 261 -0.78 8.12 15.03
C ASP A 261 -1.06 6.69 14.60
N GLN A 262 -0.03 5.97 14.17
CA GLN A 262 -0.06 4.53 13.89
C GLN A 262 -0.89 4.22 12.64
N CYS A 263 -1.14 5.25 11.81
CA CYS A 263 -1.89 5.10 10.56
C CYS A 263 -1.01 4.88 9.37
N ARG A 264 -1.41 3.88 8.58
CA ARG A 264 -0.98 3.77 7.16
C ARG A 264 -1.85 4.76 6.37
N VAL A 265 -1.20 5.65 5.63
CA VAL A 265 -1.85 6.77 4.90
C VAL A 265 -1.96 6.42 3.43
N VAL A 266 -3.12 6.63 2.86
CA VAL A 266 -3.38 6.53 1.40
C VAL A 266 -4.00 7.85 0.90
N PHE A 267 -3.51 8.37 -0.21
CA PHE A 267 -4.14 9.58 -0.82
C PHE A 267 -5.18 9.22 -1.89
N ASN A 268 -6.22 10.01 -2.07
CA ASN A 268 -7.01 9.88 -3.32
C ASN A 268 -6.13 10.29 -4.52
N HIS A 269 -6.66 10.13 -5.74
CA HIS A 269 -5.92 10.28 -7.02
C HIS A 269 -5.70 11.78 -7.29
N THR A 270 -6.64 12.66 -6.99
CA THR A 270 -6.45 14.13 -7.11
C THR A 270 -5.56 14.69 -5.97
N GLY A 271 -5.24 13.92 -4.96
CA GLY A 271 -4.43 14.38 -3.82
C GLY A 271 -5.11 15.44 -2.98
N THR A 272 -6.42 15.40 -2.85
CA THR A 272 -7.20 16.39 -2.03
C THR A 272 -7.53 15.78 -0.66
N VAL A 273 -7.46 14.47 -0.57
CA VAL A 273 -7.94 13.77 0.65
C VAL A 273 -6.95 12.66 0.95
N MET A 274 -6.76 12.45 2.24
CA MET A 274 -5.84 11.45 2.84
C MET A 274 -6.68 10.52 3.72
N TYR A 275 -6.54 9.23 3.60
CA TYR A 275 -7.28 8.20 4.37
C TYR A 275 -6.22 7.52 5.25
N GLY A 276 -6.54 7.32 6.53
CA GLY A 276 -5.63 6.73 7.54
C GLY A 276 -6.30 5.55 8.24
N ALA A 277 -5.70 4.38 8.22
CA ALA A 277 -6.17 3.28 9.06
C ALA A 277 -5.09 2.92 10.08
N MET A 278 -5.51 2.86 11.32
CA MET A 278 -4.64 2.76 12.51
C MET A 278 -4.30 1.27 12.65
N LEU A 279 -3.00 1.00 12.76
CA LEU A 279 -2.47 -0.28 13.24
C LEU A 279 -3.22 -0.76 14.47
N GLN A 280 -3.50 -2.06 14.46
CA GLN A 280 -4.02 -2.82 15.64
C GLN A 280 -2.96 -2.77 16.77
N ALA A 281 -3.31 -2.54 18.01
CA ALA A 281 -2.32 -2.31 19.10
C ALA A 281 -1.39 -3.53 19.31
N MET A 292 -7.35 -14.67 11.38
CA MET A 292 -6.13 -14.30 12.17
C MET A 292 -5.99 -12.76 12.26
N LYS A 293 -4.88 -12.37 12.94
CA LYS A 293 -4.41 -10.98 13.22
C LYS A 293 -4.42 -10.09 11.95
N SER A 294 -5.33 -9.11 11.89
CA SER A 294 -5.31 -7.98 10.93
C SER A 294 -4.11 -7.07 11.29
N PRO A 295 -3.57 -6.37 10.31
CA PRO A 295 -2.57 -5.34 10.58
C PRO A 295 -3.26 -4.09 11.15
N PHE A 296 -4.53 -3.86 10.81
CA PHE A 296 -5.29 -2.65 11.26
C PHE A 296 -6.49 -2.98 12.14
N GLY A 297 -6.91 -1.95 12.88
CA GLY A 297 -8.15 -1.89 13.69
C GLY A 297 -9.36 -1.64 12.78
N SER A 298 -10.44 -1.18 13.36
CA SER A 298 -11.75 -1.20 12.67
C SER A 298 -12.17 0.21 12.26
N SER A 299 -11.29 1.20 12.32
CA SER A 299 -11.66 2.61 12.04
C SER A 299 -10.68 3.16 11.00
N PHE A 300 -11.20 4.03 10.16
CA PHE A 300 -10.36 4.83 9.25
C PHE A 300 -10.75 6.29 9.44
N ARG A 301 -9.81 7.17 9.13
CA ARG A 301 -9.93 8.63 9.35
C ARG A 301 -9.64 9.30 8.02
N THR A 302 -10.34 10.36 7.69
CA THR A 302 -10.04 11.16 6.49
C THR A 302 -9.60 12.54 6.92
N PHE A 303 -8.66 13.06 6.16
CA PHE A 303 -8.16 14.44 6.33
C PHE A 303 -8.10 15.17 4.99
N ASN A 304 -8.30 16.48 5.06
CA ASN A 304 -8.10 17.38 3.91
C ASN A 304 -6.58 17.38 3.67
N ALA A 305 -6.12 17.12 2.46
CA ALA A 305 -4.68 17.00 2.15
C ALA A 305 -3.99 18.36 2.12
N THR A 306 -4.76 19.45 2.05
CA THR A 306 -4.13 20.74 1.86
C THR A 306 -3.86 21.31 3.26
N ASP A 307 -4.77 21.16 4.23
CA ASP A 307 -4.62 21.83 5.56
C ASP A 307 -4.57 20.78 6.67
N TYR A 308 -4.65 19.49 6.34
CA TYR A 308 -4.60 18.39 7.32
C TYR A 308 -5.71 18.47 8.38
N LYS A 309 -6.77 19.21 8.09
CA LYS A 309 -7.94 19.26 9.00
C LYS A 309 -8.73 17.94 8.88
N PRO A 310 -9.22 17.39 10.01
CA PRO A 310 -10.02 16.17 10.01
C PRO A 310 -11.32 16.36 9.26
N ILE A 311 -11.69 15.40 8.41
CA ILE A 311 -13.01 15.40 7.73
C ILE A 311 -13.94 14.38 8.39
N ALA A 312 -13.56 13.12 8.56
CA ALA A 312 -14.44 12.07 9.14
C ALA A 312 -13.61 11.06 9.93
N THR A 313 -14.26 10.41 10.89
CA THR A 313 -13.80 9.21 11.60
C THR A 313 -14.88 8.16 11.41
N ILE A 314 -14.60 7.06 10.75
CA ILE A 314 -15.61 6.00 10.47
C ILE A 314 -15.12 4.77 11.20
N ASP A 315 -15.92 4.26 12.12
CA ASP A 315 -15.69 2.90 12.68
C ASP A 315 -16.62 1.91 11.96
N VAL A 316 -16.07 1.02 11.16
CA VAL A 316 -16.87 0.00 10.41
C VAL A 316 -17.00 -1.28 11.25
N LYS A 317 -16.53 -1.25 12.52
CA LYS A 317 -16.82 -2.26 13.59
C LYS A 317 -16.27 -3.62 13.18
N ARG A 318 -15.37 -3.63 12.23
CA ARG A 318 -14.77 -4.82 11.62
C ARG A 318 -13.34 -4.41 11.38
N ASN A 319 -12.39 -5.27 11.70
CA ASN A 319 -10.99 -4.95 11.43
C ASN A 319 -10.77 -4.82 9.92
N ILE A 320 -9.95 -3.84 9.58
CA ILE A 320 -9.68 -3.44 8.18
C ILE A 320 -8.35 -4.04 7.73
N PHE A 321 -8.36 -4.63 6.55
CA PHE A 321 -7.15 -5.25 5.97
C PHE A 321 -6.55 -4.33 4.94
N ASP A 322 -7.39 -3.52 4.26
CA ASP A 322 -6.89 -2.61 3.22
C ASP A 322 -8.00 -1.65 2.77
N LEU A 323 -7.61 -0.56 2.14
CA LEU A 323 -8.57 0.35 1.48
C LEU A 323 -7.88 1.05 0.31
N CYS A 324 -8.66 1.52 -0.65
CA CYS A 324 -8.14 2.11 -1.90
C CYS A 324 -9.27 2.92 -2.52
N THR A 325 -8.93 3.86 -3.40
CA THR A 325 -9.90 4.63 -4.21
C THR A 325 -9.76 4.31 -5.71
N ASP A 326 -10.82 4.48 -6.47
CA ASP A 326 -10.78 4.46 -7.95
C ASP A 326 -10.03 5.74 -8.43
N THR A 327 -9.58 5.75 -9.68
CA THR A 327 -8.84 6.90 -10.27
C THR A 327 -9.73 8.14 -10.36
N LYS A 328 -11.05 8.05 -10.43
CA LYS A 328 -11.92 9.25 -10.43
C LYS A 328 -12.32 9.69 -9.04
N ASP A 329 -11.90 8.94 -8.01
CA ASP A 329 -12.13 9.33 -6.59
C ASP A 329 -13.63 9.39 -6.26
N CYS A 330 -14.45 8.57 -6.88
CA CYS A 330 -15.88 8.42 -6.55
C CYS A 330 -16.09 7.42 -5.40
N TYR A 331 -15.20 6.45 -5.28
CA TYR A 331 -15.41 5.28 -4.40
C TYR A 331 -14.23 5.07 -3.47
N LEU A 332 -14.51 4.53 -2.27
CA LEU A 332 -13.54 3.91 -1.36
C LEU A 332 -13.91 2.43 -1.22
N ALA A 333 -12.99 1.53 -1.52
CA ALA A 333 -13.19 0.10 -1.34
C ALA A 333 -12.40 -0.28 -0.09
N VAL A 334 -13.05 -1.02 0.81
CA VAL A 334 -12.44 -1.40 2.12
C VAL A 334 -12.60 -2.91 2.29
N ILE A 335 -11.52 -3.57 2.69
CA ILE A 335 -11.52 -5.00 3.05
C ILE A 335 -11.72 -5.04 4.56
N GLU A 336 -12.86 -5.61 4.97
CA GLU A 336 -13.30 -5.70 6.35
C GLU A 336 -13.38 -7.17 6.70
N ASN A 337 -12.90 -7.50 7.88
CA ASN A 337 -13.09 -8.87 8.40
C ASN A 337 -14.32 -8.97 9.28
N GLN A 338 -15.23 -9.89 8.94
CA GLN A 338 -16.40 -10.19 9.81
C GLN A 338 -15.96 -11.02 11.04
N GLY A 339 -14.92 -11.85 10.91
CA GLY A 339 -14.45 -12.69 12.03
C GLY A 339 -13.51 -11.89 12.93
N SER A 340 -13.34 -12.32 14.15
CA SER A 340 -12.26 -11.80 15.03
C SER A 340 -10.92 -12.44 14.67
N MET A 341 -9.86 -11.92 15.26
CA MET A 341 -8.45 -12.46 15.14
C MET A 341 -8.38 -13.87 15.71
N ASP A 342 -9.28 -14.23 16.63
CA ASP A 342 -9.34 -15.60 17.19
C ASP A 342 -10.07 -16.58 16.29
N ALA A 343 -10.65 -16.17 15.16
CA ALA A 343 -11.46 -17.12 14.36
C ALA A 343 -10.53 -18.21 13.81
N LEU A 344 -11.06 -19.41 13.64
CA LEU A 344 -10.33 -20.49 12.94
C LEU A 344 -9.84 -19.90 11.64
N ASN A 345 -10.72 -19.21 10.92
CA ASN A 345 -10.47 -18.72 9.54
C ASN A 345 -10.95 -17.28 9.39
N MET A 346 -10.22 -16.51 8.61
CA MET A 346 -10.69 -15.21 8.05
C MET A 346 -12.07 -15.34 7.41
N ASP A 347 -12.86 -14.28 7.46
CA ASP A 347 -14.13 -14.18 6.70
C ASP A 347 -14.32 -12.72 6.27
N THR A 348 -13.57 -12.25 5.30
CA THR A 348 -13.54 -10.82 4.94
C THR A 348 -14.61 -10.52 3.89
N VAL A 349 -15.05 -9.28 3.89
CA VAL A 349 -15.86 -8.73 2.76
C VAL A 349 -15.10 -7.54 2.14
N CYS A 350 -15.39 -7.26 0.89
CA CYS A 350 -15.07 -5.97 0.25
C CYS A 350 -16.32 -5.08 0.27
N ARG A 351 -16.19 -3.93 0.92
CA ARG A 351 -17.27 -2.93 0.97
C ARG A 351 -16.84 -1.72 0.12
N LEU A 352 -17.74 -1.30 -0.76
CA LEU A 352 -17.60 -0.10 -1.61
C LEU A 352 -18.52 1.00 -1.10
N TYR A 353 -17.96 2.15 -0.85
CA TYR A 353 -18.66 3.34 -0.33
C TYR A 353 -18.53 4.46 -1.40
N GLU A 354 -19.54 5.29 -1.60
CA GLU A 354 -19.42 6.50 -2.48
C GLU A 354 -19.06 7.71 -1.60
N VAL A 355 -17.96 8.37 -1.94
CA VAL A 355 -17.56 9.62 -1.23
C VAL A 355 -18.13 10.78 -2.04
S DMS B . -4.15 1.43 4.84
O DMS B . -4.01 0.83 3.39
C1 DMS B . -5.51 0.55 5.59
C2 DMS B . -4.89 3.08 4.80
H11 DMS B . -5.26 0.28 6.49
H12 DMS B . -5.70 -0.25 5.07
H13 DMS B . -6.29 1.11 5.62
H21 DMS B . -5.17 3.33 5.69
H22 DMS B . -5.65 3.08 4.20
H23 DMS B . -4.23 3.72 4.49
MG MG C . -23.51 -5.34 -5.32
C ACT D . 8.40 -18.10 -13.70
O ACT D . 7.19 -17.86 -13.65
OXT ACT D . 9.13 -17.72 -14.61
CH3 ACT D . 9.06 -18.88 -12.58
H1 ACT D . 10.00 -19.02 -12.79
H2 ACT D . 8.62 -19.73 -12.47
H3 ACT D . 8.99 -18.38 -11.76
C ACT E . 4.83 -19.81 -5.18
O ACT E . 4.75 -19.07 -4.15
OXT ACT E . 5.84 -20.51 -5.47
CH3 ACT E . 3.61 -19.84 -6.14
H1 ACT E . 2.91 -19.26 -5.81
H2 ACT E . 3.27 -20.76 -6.20
H3 ACT E . 3.89 -19.54 -7.02
C1 EDO F . 3.90 3.70 6.06
O1 EDO F . 4.48 4.94 6.36
C2 EDO F . 4.75 2.57 6.46
O2 EDO F . 5.10 2.56 7.83
H11 EDO F . 3.73 3.64 5.10
H12 EDO F . 3.04 3.62 6.52
HO1 EDO F . 3.93 5.61 6.20
H21 EDO F . 5.57 2.59 5.93
H22 EDO F . 4.28 1.74 6.25
HO2 EDO F . 4.50 2.15 8.26
C1 VMZ G . -3.25 -8.25 5.22
C2 VMZ G . -2.18 -8.88 5.86
C3 VMZ G . -0.94 -8.21 6.03
C11 VMZ G . 0.56 -5.13 5.09
C12 VMZ G . 1.91 -4.58 5.39
C13 VMZ G . 1.97 -3.18 5.98
C14 VMZ G . 2.48 -1.99 5.42
C15 VMZ G . 2.43 -0.80 6.18
C16 VMZ G . 1.86 -0.86 7.46
C17 VMZ G . 1.34 -2.01 8.03
C18 VMZ G . 1.40 -3.16 7.29
C19 VMZ G . 3.10 -5.59 5.58
C20 VMZ G . 3.98 -5.59 4.30
C21 VMZ G . 2.89 -5.41 3.19
C22 VMZ G . 2.25 -4.18 3.89
C25 VMZ G . -2.91 -11.23 5.47
C26 VMZ G . -3.36 -12.52 6.22
C28 VMZ G . -1.69 -11.88 8.00
C29 VMZ G . -1.17 -10.70 7.15
C30 VMZ G . -1.82 -14.22 7.09
C4 VMZ G . -0.84 -6.93 5.50
C5 VMZ G . -1.92 -6.27 4.81
C6 VMZ G . -3.14 -6.94 4.67
C7 VMZ G . -1.67 -4.97 4.35
N8 VMZ G . -0.43 -4.45 4.51
N9 VMZ G . -2.60 -4.18 3.70
N10 VMZ G . 0.34 -6.35 5.63
N23 VMZ G . -2.35 -10.20 6.40
CL24 VMZ G . 1.75 0.55 8.45
N27 VMZ G . -2.27 -12.91 7.11
C31 VMZ G . -2.38 -2.76 3.43
C32 VMZ G . -1.45 -2.58 2.16
N33 VMZ G . -1.90 -3.50 1.07
C34 VMZ G . -0.68 -14.74 7.96
O35 VMZ G . -2.33 -15.04 6.34
C1 VMZ H . -12.72 -11.24 -18.17
C2 VMZ H . -12.20 -9.95 -17.97
C3 VMZ H . -10.81 -9.71 -17.83
C11 VMZ H . -7.68 -11.59 -17.80
C12 VMZ H . -6.17 -11.72 -17.60
C13 VMZ H . -6.03 -11.81 -16.07
C14 VMZ H . -6.10 -10.68 -15.18
C15 VMZ H . -6.05 -10.89 -13.80
C16 VMZ H . -6.02 -12.24 -13.35
C17 VMZ H . -5.99 -13.37 -14.19
C18 VMZ H . -6.03 -13.15 -15.57
C19 VMZ H . -5.14 -12.12 -18.72
C20 VMZ H . -4.26 -10.95 -19.19
C21 VMZ H . -4.47 -10.04 -17.96
C22 VMZ H . -6.00 -10.18 -17.85
C25 VMZ H . -14.56 -8.94 -17.89
C26 VMZ H . -15.18 -7.75 -18.69
C28 VMZ H . -12.89 -6.51 -18.56
C29 VMZ H . -12.53 -7.53 -17.45
C30 VMZ H . -14.88 -5.33 -19.24
C4 VMZ H . -9.90 -10.78 -17.86
C5 VMZ H . -10.42 -12.11 -18.07
C6 VMZ H . -11.82 -12.31 -18.22
C7 VMZ H . -9.45 -13.17 -18.09
N8 VMZ H . -8.16 -12.85 -17.94
N9 VMZ H . -9.61 -14.52 -18.27
N10 VMZ H . -8.55 -10.54 -17.70
N23 VMZ H . -13.07 -8.83 -17.91
CL24 VMZ H . -6.00 -12.55 -11.63
N27 VMZ H . -14.33 -6.53 -18.83
C31 VMZ H . -9.80 -15.40 -17.11
C32 VMZ H . -11.31 -15.40 -16.68
N33 VMZ H . -11.69 -16.69 -16.09
C34 VMZ H . -14.08 -4.03 -19.40
O35 VMZ H . -16.07 -5.25 -19.47
#